data_1XA0
#
_entry.id   1XA0
#
_cell.length_a   156.236
_cell.length_b   156.236
_cell.length_c   68.569
_cell.angle_alpha   90.00
_cell.angle_beta   90.00
_cell.angle_gamma   90.00
#
_symmetry.space_group_name_H-M   'P 41 21 2'
#
loop_
_entity.id
_entity.type
_entity.pdbx_description
1 polymer 'Putative NADPH Dependent oxidoreductases'
2 non-polymer 'SULFATE ION'
3 non-polymer 'CHLORIDE ION'
4 water water
#
_entity_poly.entity_id   1
_entity_poly.type   'polypeptide(L)'
_entity_poly.pdbx_seq_one_letter_code
;(MSE)SAFQAFVVNKTETEFTAGVQTIS(MSE)DDLPEGDVLVRVHYSSVNYKDGLASIPDGKIVKT(DTY)PFVPGIDL
AGVVVSSQHPRFREGDEVIATGYEIGVTHFGGYSEYARLHGEWLVPLPKGLTLKEA(MSE)AIGTAGFTAALSIHRLEEH
GLTPERGPVLVTGATGGVGSLAVS(MSE)LAKRGYTVEASTGKAAEHDYLRVLGAKEVLAREDV(MSE)AERIRPLDKQR
WAAAVDPVGGRTLATVLSR(MSE)RYGGAVAVSGLTGGAEVPTTVHPFILRGVSLLGIDSVYCP(MSE)DLRLRIWERLA
GDLKPDLERIAQEISLAELPQALKRILRGELRGRTVVRLA
;
_entity_poly.pdbx_strand_id   A,B
#
# COMPACT_ATOMS: atom_id res chain seq x y z
N SER A 2 18.11 -11.64 45.41
CA SER A 2 17.24 -12.67 44.82
C SER A 2 15.82 -12.19 44.47
N ALA A 3 15.60 -10.88 44.56
CA ALA A 3 14.33 -10.26 44.23
C ALA A 3 14.63 -9.08 43.32
N PHE A 4 14.18 -9.17 42.08
CA PHE A 4 14.47 -8.15 41.07
C PHE A 4 13.24 -7.81 40.25
N GLN A 5 13.36 -6.79 39.41
CA GLN A 5 12.24 -6.33 38.59
C GLN A 5 12.22 -6.91 37.17
N ALA A 6 11.01 -7.00 36.62
CA ALA A 6 10.77 -7.51 35.28
C ALA A 6 9.41 -7.05 34.76
N PHE A 7 9.32 -6.81 33.45
CA PHE A 7 8.03 -6.47 32.84
C PHE A 7 7.26 -7.79 32.69
N VAL A 8 6.12 -7.89 33.35
CA VAL A 8 5.34 -9.13 33.34
C VAL A 8 3.96 -8.92 32.73
N VAL A 9 3.54 -9.87 31.91
CA VAL A 9 2.20 -9.85 31.31
C VAL A 9 1.38 -10.97 31.93
N ASN A 10 0.14 -10.68 32.26
CA ASN A 10 -0.75 -11.66 32.89
C ASN A 10 -2.15 -11.67 32.29
N LYS A 11 -2.84 -12.80 32.43
CA LYS A 11 -4.19 -12.94 31.88
C LYS A 11 -5.03 -13.95 32.69
N THR A 12 -5.82 -13.42 33.64
CA THR A 12 -6.73 -14.24 34.46
C THR A 12 -8.14 -14.15 33.86
N GLU A 13 -9.16 -14.48 34.66
CA GLU A 13 -10.55 -14.42 34.19
C GLU A 13 -10.90 -13.01 33.72
N THR A 14 -11.00 -12.86 32.39
CA THR A 14 -11.28 -11.58 31.71
C THR A 14 -10.62 -10.37 32.38
N GLU A 15 -9.29 -10.40 32.44
CA GLU A 15 -8.49 -9.35 33.05
C GLU A 15 -7.07 -9.40 32.47
N PHE A 16 -6.51 -8.25 32.13
CA PHE A 16 -5.17 -8.20 31.56
C PHE A 16 -4.25 -7.16 32.21
N THR A 17 -3.12 -7.65 32.71
CA THR A 17 -2.11 -6.78 33.31
C THR A 17 -0.83 -6.83 32.48
N ALA A 18 -0.17 -5.68 32.39
CA ALA A 18 1.10 -5.55 31.69
C ALA A 18 1.88 -4.42 32.34
N GLY A 19 2.75 -4.75 33.29
CA GLY A 19 3.54 -3.75 33.97
C GLY A 19 4.82 -4.26 34.60
N VAL A 20 5.66 -3.34 35.04
CA VAL A 20 6.90 -3.69 35.71
C VAL A 20 6.56 -4.04 37.16
N GLN A 21 6.93 -5.25 37.56
CA GLN A 21 6.72 -5.68 38.94
C GLN A 21 7.94 -6.45 39.39
N THR A 22 8.05 -6.70 40.69
CA THR A 22 9.16 -7.46 41.21
C THR A 22 8.83 -8.96 41.19
N ILE A 23 9.77 -9.76 40.69
CA ILE A 23 9.62 -11.21 40.61
C ILE A 23 10.86 -11.86 41.24
N SER A 24 10.83 -13.21 41.35
CA SER A 24 11.93 -13.92 42.00
C SER A 24 12.71 -14.89 41.11
N ASP A 26 13.01 -17.98 41.41
CA ASP A 26 12.25 -19.22 41.24
C ASP A 26 11.18 -19.10 40.17
N ASP A 27 10.86 -17.85 39.79
CA ASP A 27 9.86 -17.60 38.75
C ASP A 27 10.46 -17.85 37.36
N LEU A 28 11.79 -17.87 37.30
CA LEU A 28 12.52 -18.10 36.08
C LEU A 28 12.49 -19.60 35.73
N PRO A 29 12.22 -19.91 34.46
CA PRO A 29 12.08 -21.28 33.99
C PRO A 29 13.39 -22.07 33.93
N GLU A 30 13.27 -23.36 33.67
CA GLU A 30 14.41 -24.24 33.56
C GLU A 30 15.44 -23.76 32.55
N GLY A 31 16.68 -23.69 33.00
CA GLY A 31 17.80 -23.30 32.15
C GLY A 31 19.11 -23.84 32.71
N ASP A 32 20.15 -23.81 31.89
CA ASP A 32 21.48 -24.29 32.30
C ASP A 32 22.50 -23.15 32.30
N VAL A 33 22.04 -21.94 31.99
CA VAL A 33 22.87 -20.74 32.01
C VAL A 33 22.07 -19.58 32.61
N LEU A 34 22.61 -18.96 33.65
CA LEU A 34 21.95 -17.82 34.28
C LEU A 34 22.66 -16.52 33.86
N VAL A 35 21.87 -15.59 33.31
CA VAL A 35 22.42 -14.34 32.76
C VAL A 35 21.88 -13.07 33.43
N ARG A 36 22.78 -12.14 33.76
CA ARG A 36 22.37 -10.82 34.25
C ARG A 36 22.19 -9.90 33.04
N VAL A 37 20.95 -9.54 32.74
CA VAL A 37 20.63 -8.73 31.56
C VAL A 37 21.05 -7.28 31.65
N HIS A 38 21.94 -6.87 30.75
CA HIS A 38 22.41 -5.48 30.70
C HIS A 38 21.51 -4.65 29.79
N TYR A 39 21.13 -5.21 28.65
CA TYR A 39 20.30 -4.49 27.71
C TYR A 39 19.33 -5.42 27.02
N SER A 40 18.28 -4.82 26.48
CA SER A 40 17.31 -5.50 25.65
C SER A 40 16.87 -4.41 24.67
N SER A 41 15.93 -4.71 23.79
CA SER A 41 15.46 -3.69 22.89
C SER A 41 13.97 -3.85 22.72
N VAL A 42 13.36 -2.96 21.95
CA VAL A 42 11.97 -3.13 21.65
C VAL A 42 11.77 -3.44 20.17
N ASN A 43 11.11 -4.57 19.94
CA ASN A 43 10.85 -5.06 18.60
C ASN A 43 9.34 -5.01 18.43
N TYR A 44 8.84 -5.12 17.22
CA TYR A 44 7.41 -5.13 16.99
C TYR A 44 6.79 -6.41 17.61
N LYS A 45 7.49 -7.53 17.43
CA LYS A 45 7.10 -8.82 17.99
C LYS A 45 6.95 -8.71 19.51
N ASP A 46 7.81 -7.90 20.13
CA ASP A 46 7.76 -7.67 21.57
C ASP A 46 6.56 -6.81 21.93
N GLY A 47 6.09 -6.03 20.97
CA GLY A 47 4.92 -5.20 21.17
C GLY A 47 3.68 -6.09 21.20
N LEU A 48 3.69 -7.11 20.34
CA LEU A 48 2.58 -8.04 20.26
C LEU A 48 2.51 -8.94 21.48
N ALA A 49 3.64 -9.11 22.16
CA ALA A 49 3.69 -9.92 23.38
C ALA A 49 3.13 -9.18 24.58
N SER A 50 3.05 -7.86 24.49
CA SER A 50 2.57 -7.02 25.60
C SER A 50 1.06 -6.80 25.62
N ILE A 51 0.37 -7.20 24.56
CA ILE A 51 -1.09 -7.09 24.48
C ILE A 51 -1.78 -8.46 24.40
N PRO A 52 -3.00 -8.56 24.91
CA PRO A 52 -3.74 -9.84 24.90
C PRO A 52 -3.88 -10.48 23.51
N ASP A 53 -4.52 -9.77 22.59
CA ASP A 53 -4.77 -10.30 21.24
C ASP A 53 -3.57 -10.23 20.28
N GLY A 54 -2.37 -10.18 20.84
CA GLY A 54 -1.16 -10.09 20.02
C GLY A 54 -0.77 -11.34 19.27
N LYS A 55 -1.34 -12.48 19.67
CA LYS A 55 -1.07 -13.78 19.05
C LYS A 55 0.41 -14.25 19.07
N ILE A 56 1.14 -13.88 20.12
CA ILE A 56 2.52 -14.33 20.32
C ILE A 56 2.58 -15.22 21.55
N VAL A 57 2.32 -14.64 22.72
CA VAL A 57 2.35 -15.39 23.97
C VAL A 57 1.04 -16.15 24.15
N LYS A 58 1.16 -17.44 24.51
CA LYS A 58 -0.01 -18.30 24.71
C LYS A 58 0.03 -19.02 26.07
N THR A 59 0.64 -18.39 27.07
CA THR A 59 0.74 -18.91 28.43
C THR A 59 0.79 -17.76 29.44
N PRO A 61 1.49 -16.18 33.28
CA PRO A 61 2.60 -15.41 33.83
C PRO A 61 3.82 -15.52 32.93
N PHE A 62 4.14 -14.40 32.28
CA PHE A 62 5.20 -14.39 31.28
C PHE A 62 6.05 -13.12 31.28
N VAL A 63 7.31 -13.28 30.92
CA VAL A 63 8.24 -12.17 30.80
C VAL A 63 8.63 -12.10 29.32
N PRO A 64 8.13 -11.09 28.62
CA PRO A 64 8.47 -10.89 27.20
C PRO A 64 9.90 -10.40 26.99
N GLY A 65 10.27 -10.21 25.72
CA GLY A 65 11.58 -9.72 25.34
C GLY A 65 12.33 -10.77 24.55
N ILE A 66 12.33 -10.65 23.22
CA ILE A 66 13.04 -11.61 22.38
C ILE A 66 14.55 -11.35 22.30
N ASP A 67 15.01 -10.30 22.96
CA ASP A 67 16.40 -9.89 22.85
C ASP A 67 17.14 -9.84 24.20
N LEU A 68 18.40 -10.26 24.20
CA LEU A 68 19.18 -10.29 25.43
C LEU A 68 20.65 -10.03 25.21
N ALA A 69 21.22 -9.19 26.07
CA ALA A 69 22.66 -9.00 26.11
C ALA A 69 23.06 -8.76 27.56
N GLY A 70 24.04 -9.52 28.03
CA GLY A 70 24.47 -9.37 29.39
C GLY A 70 25.65 -10.26 29.73
N VAL A 71 25.80 -10.52 31.03
CA VAL A 71 26.94 -11.28 31.55
C VAL A 71 26.53 -12.55 32.32
N VAL A 72 27.27 -13.64 32.11
CA VAL A 72 27.00 -14.91 32.75
C VAL A 72 27.29 -14.85 34.26
N VAL A 73 26.29 -15.18 35.08
CA VAL A 73 26.47 -15.21 36.52
C VAL A 73 26.85 -16.63 36.93
N SER A 74 26.03 -17.59 36.50
CA SER A 74 26.29 -19.01 36.76
C SER A 74 25.84 -19.81 35.55
N SER A 75 26.37 -21.03 35.42
CA SER A 75 25.74 -21.94 34.49
C SER A 75 26.20 -23.40 34.63
N GLN A 76 26.57 -24.00 33.48
CA GLN A 76 26.88 -25.42 33.46
C GLN A 76 28.24 -25.68 32.83
N HIS A 77 28.25 -26.52 31.77
CA HIS A 77 29.44 -26.63 30.91
C HIS A 77 29.18 -26.45 29.40
N PRO A 78 28.33 -25.47 29.02
CA PRO A 78 28.00 -25.24 27.61
C PRO A 78 28.97 -24.27 26.88
N ARG A 79 30.24 -24.23 27.31
CA ARG A 79 31.27 -23.32 26.79
C ARG A 79 31.15 -21.91 27.39
N PHE A 80 30.48 -21.82 28.53
CA PHE A 80 30.26 -20.54 29.19
C PHE A 80 30.67 -20.56 30.65
N ARG A 81 31.69 -19.77 30.98
CA ARG A 81 32.11 -19.59 32.36
C ARG A 81 31.68 -18.19 32.77
N GLU A 82 31.46 -17.97 34.06
CA GLU A 82 31.00 -16.68 34.56
C GLU A 82 31.82 -15.49 34.07
N GLY A 83 31.15 -14.34 33.93
CA GLY A 83 31.79 -13.13 33.47
C GLY A 83 31.81 -12.97 31.96
N ASP A 84 31.30 -13.98 31.25
CA ASP A 84 31.28 -13.94 29.79
C ASP A 84 30.11 -13.11 29.28
N GLU A 85 30.41 -12.18 28.37
CA GLU A 85 29.36 -11.35 27.78
C GLU A 85 28.68 -12.17 26.69
N VAL A 86 27.41 -12.46 26.89
CA VAL A 86 26.65 -13.27 25.94
C VAL A 86 25.46 -12.53 25.37
N ILE A 87 25.06 -12.91 24.15
CA ILE A 87 23.90 -12.36 23.47
C ILE A 87 22.90 -13.49 23.29
N ALA A 88 21.62 -13.17 23.35
CA ALA A 88 20.59 -14.17 23.08
C ALA A 88 19.39 -13.58 22.36
N THR A 89 19.17 -13.98 21.12
CA THR A 89 17.98 -13.55 20.37
C THR A 89 17.33 -14.75 19.70
N GLY A 90 16.06 -14.63 19.40
CA GLY A 90 15.38 -15.66 18.66
C GLY A 90 15.01 -16.87 19.46
N TYR A 91 14.79 -17.98 18.76
CA TYR A 91 14.36 -19.24 19.36
C TYR A 91 13.03 -19.06 20.10
N GLU A 92 12.91 -19.65 21.28
CA GLU A 92 11.68 -19.53 22.05
C GLU A 92 11.64 -18.25 22.90
N ILE A 93 12.77 -17.53 22.95
CA ILE A 93 12.91 -16.36 23.82
C ILE A 93 11.86 -15.30 23.58
N GLY A 94 11.21 -14.84 24.65
CA GLY A 94 10.17 -13.83 24.57
C GLY A 94 8.93 -14.28 23.86
N VAL A 95 8.80 -15.59 23.65
CA VAL A 95 7.65 -16.14 22.97
C VAL A 95 7.09 -17.26 23.79
N THR A 96 7.94 -18.25 24.05
CA THR A 96 7.58 -19.43 24.80
C THR A 96 8.41 -19.48 26.08
N HIS A 97 9.66 -19.06 25.96
CA HIS A 97 10.61 -19.04 27.07
C HIS A 97 10.76 -17.60 27.58
N PHE A 98 10.75 -17.41 28.91
CA PHE A 98 10.89 -16.10 29.53
C PHE A 98 12.06 -15.34 28.88
N GLY A 99 11.91 -14.01 28.75
CA GLY A 99 12.72 -13.25 27.81
C GLY A 99 13.59 -12.21 28.50
N GLY A 100 13.77 -11.07 27.81
CA GLY A 100 14.87 -10.19 28.15
C GLY A 100 14.42 -8.96 28.91
N TYR A 101 13.12 -8.75 29.06
CA TYR A 101 12.63 -7.67 29.91
C TYR A 101 12.66 -8.06 31.39
N SER A 102 13.83 -8.49 31.87
CA SER A 102 14.02 -8.90 33.25
C SER A 102 15.46 -8.61 33.63
N GLU A 103 15.72 -8.47 34.93
CA GLU A 103 17.09 -8.19 35.39
C GLU A 103 17.96 -9.42 35.26
N TYR A 104 17.33 -10.58 35.35
CA TYR A 104 18.00 -11.86 35.19
C TYR A 104 17.18 -12.76 34.27
N ALA A 105 17.88 -13.51 33.42
CA ALA A 105 17.23 -14.42 32.50
C ALA A 105 17.86 -15.80 32.65
N ARG A 106 17.04 -16.84 32.50
CA ARG A 106 17.54 -18.21 32.59
C ARG A 106 17.25 -18.93 31.30
N LEU A 107 18.31 -19.32 30.58
CA LEU A 107 18.14 -19.91 29.26
C LEU A 107 18.94 -21.18 28.97
N HIS A 108 18.78 -21.70 27.76
CA HIS A 108 19.49 -22.89 27.31
C HIS A 108 20.81 -22.45 26.67
N GLY A 109 21.89 -23.14 27.02
CA GLY A 109 23.21 -22.83 26.49
C GLY A 109 23.26 -22.77 24.97
N GLU A 110 22.43 -23.60 24.32
CA GLU A 110 22.35 -23.68 22.86
C GLU A 110 21.81 -22.42 22.19
N TRP A 111 21.33 -21.45 22.98
CA TRP A 111 20.76 -20.23 22.41
C TRP A 111 21.69 -19.03 22.49
N LEU A 112 22.80 -19.16 23.21
CA LEU A 112 23.71 -18.03 23.39
C LEU A 112 24.71 -17.78 22.25
N VAL A 113 25.12 -16.54 22.13
CA VAL A 113 26.04 -16.15 21.10
C VAL A 113 27.12 -15.36 21.82
N PRO A 114 28.30 -15.93 21.96
CA PRO A 114 29.44 -15.24 22.57
C PRO A 114 29.66 -13.89 21.87
N LEU A 115 29.59 -12.80 22.64
CA LEU A 115 29.73 -11.43 22.12
C LEU A 115 30.99 -11.19 21.31
N PRO A 116 30.83 -11.03 20.02
CA PRO A 116 31.96 -10.83 19.13
C PRO A 116 32.80 -9.60 19.47
N LYS A 117 34.13 -9.73 19.35
CA LYS A 117 35.03 -8.61 19.52
C LYS A 117 34.64 -7.57 18.47
N GLY A 118 34.26 -6.38 18.93
CA GLY A 118 33.84 -5.32 18.02
C GLY A 118 32.46 -4.82 18.34
N LEU A 119 31.81 -5.44 19.30
CA LEU A 119 30.50 -4.99 19.73
C LEU A 119 30.40 -4.89 21.24
N THR A 120 29.78 -3.82 21.69
CA THR A 120 29.47 -3.65 23.08
C THR A 120 28.11 -4.34 23.30
N LEU A 121 27.79 -4.67 24.54
CA LEU A 121 26.49 -5.25 24.85
C LEU A 121 25.38 -4.29 24.43
N LYS A 122 25.60 -2.99 24.64
CA LYS A 122 24.64 -1.94 24.25
C LYS A 122 24.48 -1.91 22.72
N GLU A 123 25.61 -1.93 22.02
CA GLU A 123 25.62 -1.96 20.56
C GLU A 123 24.96 -3.26 20.09
N ALA A 124 25.14 -4.35 20.84
CA ALA A 124 24.55 -5.63 20.46
C ALA A 124 23.05 -5.54 20.55
N ALA A 126 21.36 -2.65 20.39
CA ALA A 126 20.96 -1.58 19.47
C ALA A 126 20.68 -2.21 18.12
N ILE A 127 21.49 -3.20 17.76
CA ILE A 127 21.30 -3.98 16.54
C ILE A 127 20.09 -4.93 16.78
N GLY A 128 20.24 -5.84 17.75
CA GLY A 128 19.19 -6.75 18.18
C GLY A 128 18.62 -7.64 17.11
N THR A 129 17.42 -8.18 17.35
CA THR A 129 16.75 -9.01 16.36
C THR A 129 16.62 -8.26 15.03
N ALA A 130 16.27 -6.97 15.10
CA ALA A 130 16.10 -6.15 13.90
C ALA A 130 17.36 -6.11 13.05
N GLY A 131 18.49 -5.80 13.67
CA GLY A 131 19.77 -5.78 12.99
C GLY A 131 20.14 -7.16 12.44
N PHE A 132 19.91 -8.20 13.23
CA PHE A 132 20.13 -9.57 12.76
C PHE A 132 19.26 -9.80 11.51
N THR A 133 18.02 -9.34 11.55
CA THR A 133 17.15 -9.52 10.42
C THR A 133 17.68 -8.75 9.22
N ALA A 134 18.17 -7.53 9.44
CA ALA A 134 18.72 -6.73 8.34
C ALA A 134 19.98 -7.38 7.79
N ALA A 135 20.90 -7.75 8.68
CA ALA A 135 22.15 -8.40 8.25
C ALA A 135 21.93 -9.67 7.44
N LEU A 136 21.10 -10.57 7.96
CA LEU A 136 20.78 -11.81 7.28
C LEU A 136 20.21 -11.54 5.89
N SER A 137 19.33 -10.55 5.76
CA SER A 137 18.74 -10.17 4.47
C SER A 137 19.80 -9.81 3.43
N ILE A 138 20.73 -8.94 3.84
CA ILE A 138 21.79 -8.50 2.96
C ILE A 138 22.73 -9.67 2.65
N HIS A 139 23.00 -10.48 3.67
CA HIS A 139 23.85 -11.66 3.51
C HIS A 139 23.29 -12.55 2.43
N ARG A 140 22.02 -12.86 2.59
CA ARG A 140 21.30 -13.74 1.72
C ARG A 140 21.22 -13.16 0.30
N LEU A 141 21.06 -11.84 0.16
CA LEU A 141 21.01 -11.24 -1.17
C LEU A 141 22.38 -11.34 -1.84
N GLU A 142 23.44 -11.17 -1.04
CA GLU A 142 24.79 -11.19 -1.57
C GLU A 142 25.23 -12.55 -2.12
N GLU A 143 24.84 -13.63 -1.45
CA GLU A 143 25.18 -14.96 -1.96
C GLU A 143 24.33 -15.29 -3.15
N HIS A 144 23.29 -14.48 -3.36
CA HIS A 144 22.42 -14.67 -4.50
C HIS A 144 22.84 -13.79 -5.68
N GLY A 145 23.96 -13.08 -5.57
CA GLY A 145 24.43 -12.27 -6.66
C GLY A 145 24.56 -10.76 -6.49
N LEU A 146 24.09 -10.22 -5.36
CA LEU A 146 24.17 -8.77 -5.13
C LEU A 146 25.55 -8.19 -4.77
N THR A 147 25.95 -7.18 -5.53
CA THR A 147 27.14 -6.39 -5.26
C THR A 147 26.73 -4.95 -5.58
N PRO A 148 27.40 -3.95 -5.00
CA PRO A 148 27.11 -2.55 -5.30
C PRO A 148 27.06 -2.18 -6.78
N GLU A 149 27.76 -2.90 -7.64
CA GLU A 149 27.78 -2.56 -9.07
C GLU A 149 26.57 -3.04 -9.91
N ARG A 150 25.66 -3.76 -9.27
CA ARG A 150 24.48 -4.27 -9.95
C ARG A 150 23.34 -3.25 -10.07
N GLY A 151 23.40 -2.19 -9.27
CA GLY A 151 22.36 -1.18 -9.29
C GLY A 151 21.86 -0.80 -7.91
N PRO A 152 20.94 0.15 -7.85
CA PRO A 152 20.45 0.64 -6.56
C PRO A 152 19.60 -0.38 -5.84
N VAL A 153 19.63 -0.32 -4.52
CA VAL A 153 18.91 -1.24 -3.67
C VAL A 153 17.81 -0.51 -2.90
N LEU A 154 16.57 -0.98 -3.06
CA LEU A 154 15.41 -0.37 -2.41
C LEU A 154 15.21 -0.92 -0.99
N VAL A 155 14.85 -0.05 -0.06
CA VAL A 155 14.48 -0.53 1.27
C VAL A 155 13.16 0.12 1.72
N THR A 156 12.18 -0.69 2.15
CA THR A 156 10.84 -0.12 2.24
C THR A 156 10.35 0.14 3.69
N GLY A 157 10.88 -0.62 4.66
CA GLY A 157 10.49 -0.32 6.04
C GLY A 157 11.46 0.69 6.61
N ALA A 158 11.79 1.69 5.78
CA ALA A 158 12.96 2.51 6.04
C ALA A 158 13.00 3.11 7.43
N THR A 159 11.96 3.70 8.01
CA THR A 159 12.11 4.31 9.33
C THR A 159 12.03 3.35 10.50
N GLY A 160 11.50 2.15 10.27
CA GLY A 160 11.44 1.15 11.32
C GLY A 160 12.82 0.62 11.72
N GLY A 161 12.82 -0.36 12.64
CA GLY A 161 14.06 -0.93 13.14
C GLY A 161 14.92 -1.62 12.09
N VAL A 162 14.34 -2.59 11.40
CA VAL A 162 15.04 -3.35 10.38
C VAL A 162 15.42 -2.46 9.21
N GLY A 163 14.51 -1.55 8.86
CA GLY A 163 14.70 -0.67 7.72
C GLY A 163 15.82 0.31 7.90
N SER A 164 15.82 1.03 9.02
CA SER A 164 16.87 2.00 9.36
C SER A 164 18.19 1.30 9.37
N LEU A 165 18.24 0.14 10.01
CA LEU A 165 19.47 -0.58 10.10
C LEU A 165 19.97 -1.05 8.72
N ALA A 166 19.06 -1.50 7.86
CA ALA A 166 19.45 -1.99 6.51
C ALA A 166 20.03 -0.86 5.67
N VAL A 167 19.36 0.30 5.68
CA VAL A 167 19.85 1.47 4.96
C VAL A 167 21.30 1.73 5.37
N SER A 168 21.54 1.81 6.67
CA SER A 168 22.88 2.03 7.17
C SER A 168 23.88 0.97 6.69
N LEU A 170 23.74 -1.00 4.12
CA LEU A 170 23.92 -0.94 2.69
C LEU A 170 24.71 0.29 2.27
N ALA A 171 24.44 1.43 2.88
CA ALA A 171 25.17 2.63 2.53
C ALA A 171 26.67 2.50 2.87
N LYS A 172 26.98 1.86 4.00
CA LYS A 172 28.36 1.68 4.42
C LYS A 172 29.10 0.59 3.62
N ARG A 173 28.33 -0.30 2.99
CA ARG A 173 28.90 -1.33 2.12
C ARG A 173 29.23 -0.71 0.76
N GLY A 174 28.80 0.52 0.52
CA GLY A 174 29.03 1.19 -0.75
C GLY A 174 27.86 1.13 -1.74
N TYR A 175 26.71 0.61 -1.28
CA TYR A 175 25.53 0.54 -2.13
C TYR A 175 24.85 1.89 -2.34
N THR A 176 24.25 2.07 -3.50
CA THR A 176 23.40 3.21 -3.76
C THR A 176 22.06 2.75 -3.20
N VAL A 177 21.58 3.41 -2.16
CA VAL A 177 20.34 3.02 -1.53
C VAL A 177 19.21 4.00 -1.77
N GLU A 178 18.06 3.45 -2.15
CA GLU A 178 16.84 4.24 -2.26
C GLU A 178 15.96 3.76 -1.11
N ALA A 179 15.44 4.69 -0.33
CA ALA A 179 14.63 4.32 0.82
C ALA A 179 13.24 4.85 0.64
N SER A 180 12.27 4.06 1.08
CA SER A 180 10.88 4.47 0.95
C SER A 180 10.22 4.40 2.31
N THR A 181 9.39 5.38 2.59
CA THR A 181 8.66 5.43 3.84
C THR A 181 7.28 6.04 3.59
N GLY A 182 6.40 5.96 4.58
CA GLY A 182 5.07 6.50 4.45
C GLY A 182 4.87 7.75 5.27
N LYS A 183 5.93 8.23 5.90
CA LYS A 183 5.82 9.45 6.70
C LYS A 183 6.75 10.55 6.19
N ALA A 184 6.19 11.71 5.89
CA ALA A 184 7.01 12.84 5.47
C ALA A 184 7.75 13.26 6.72
N ALA A 185 8.67 14.21 6.62
CA ALA A 185 9.45 14.61 7.79
C ALA A 185 10.42 13.51 8.20
N GLU A 186 10.48 12.44 7.41
CA GLU A 186 11.39 11.32 7.70
C GLU A 186 12.51 11.29 6.70
N HIS A 187 12.40 12.12 5.67
CA HIS A 187 13.39 12.21 4.60
C HIS A 187 14.83 12.56 5.04
N ASP A 188 14.99 13.62 5.83
CA ASP A 188 16.30 14.04 6.31
C ASP A 188 16.99 12.93 7.06
N TYR A 189 16.23 12.29 7.92
CA TYR A 189 16.70 11.17 8.69
C TYR A 189 17.24 10.08 7.79
N LEU A 190 16.49 9.73 6.75
CA LEU A 190 16.88 8.66 5.84
C LEU A 190 18.16 8.99 5.08
N ARG A 191 18.33 10.26 4.75
CA ARG A 191 19.52 10.69 4.05
C ARG A 191 20.74 10.62 4.96
N VAL A 192 20.53 10.89 6.27
CA VAL A 192 21.60 10.83 7.27
C VAL A 192 22.11 9.42 7.43
N LEU A 193 21.20 8.45 7.31
CA LEU A 193 21.57 7.04 7.38
C LEU A 193 22.29 6.61 6.10
N GLY A 194 22.37 7.51 5.11
CA GLY A 194 23.07 7.22 3.87
C GLY A 194 22.24 6.93 2.61
N ALA A 195 20.92 7.08 2.68
CA ALA A 195 20.08 6.83 1.52
C ALA A 195 20.30 7.93 0.50
N LYS A 196 20.62 7.55 -0.74
CA LYS A 196 20.86 8.52 -1.80
C LYS A 196 19.56 9.22 -2.22
N GLU A 197 18.48 8.45 -2.31
CA GLU A 197 17.17 8.98 -2.65
C GLU A 197 16.11 8.44 -1.69
N VAL A 198 15.08 9.24 -1.44
CA VAL A 198 13.99 8.85 -0.59
C VAL A 198 12.70 8.94 -1.40
N LEU A 199 11.85 7.92 -1.28
CA LEU A 199 10.60 7.89 -2.05
C LEU A 199 9.32 8.08 -1.23
N ALA A 200 8.40 8.89 -1.76
CA ALA A 200 7.07 9.09 -1.16
C ALA A 200 6.25 7.85 -1.53
N ARG A 201 5.53 7.28 -0.55
CA ARG A 201 4.80 6.02 -0.75
C ARG A 201 3.87 5.89 -1.96
N GLU A 202 4.30 5.03 -2.88
CA GLU A 202 3.58 4.72 -4.13
C GLU A 202 4.51 3.93 -5.06
N LEU A 212 14.35 5.96 -17.17
CA LEU A 212 14.19 4.59 -16.68
C LEU A 212 12.74 4.12 -16.81
N ASP A 213 12.55 2.92 -17.37
CA ASP A 213 11.27 2.25 -17.38
C ASP A 213 11.36 0.75 -17.11
N LYS A 214 10.76 0.36 -15.97
CA LYS A 214 10.49 -1.04 -15.69
C LYS A 214 11.73 -1.88 -15.23
N GLN A 215 12.79 -1.22 -14.69
CA GLN A 215 13.85 -1.99 -14.00
C GLN A 215 15.02 -1.13 -13.48
N ARG A 216 14.62 -0.61 -12.33
CA ARG A 216 15.49 0.23 -11.53
C ARG A 216 16.32 -0.48 -10.44
N TRP A 217 15.65 -1.27 -9.58
CA TRP A 217 16.33 -1.91 -8.43
C TRP A 217 17.02 -3.23 -8.73
N ALA A 218 18.28 -3.33 -8.32
CA ALA A 218 19.04 -4.58 -8.44
C ALA A 218 18.60 -5.54 -7.35
N ALA A 219 18.10 -5.01 -6.25
CA ALA A 219 17.61 -5.81 -5.12
C ALA A 219 16.76 -4.93 -4.22
N ALA A 220 15.95 -5.56 -3.38
CA ALA A 220 15.14 -4.81 -2.42
C ALA A 220 15.08 -5.55 -1.10
N VAL A 221 14.83 -4.79 -0.03
CA VAL A 221 14.67 -5.34 1.33
C VAL A 221 13.29 -4.86 1.80
N ASP A 222 12.37 -5.79 2.05
CA ASP A 222 11.02 -5.50 2.53
C ASP A 222 10.90 -6.10 3.92
N PRO A 223 10.95 -5.25 4.94
CA PRO A 223 10.84 -5.73 6.31
C PRO A 223 9.44 -5.62 6.86
N VAL A 224 8.44 -5.49 5.99
CA VAL A 224 7.08 -5.30 6.47
C VAL A 224 6.15 -6.42 6.02
N GLY A 225 6.68 -7.63 6.03
CA GLY A 225 5.88 -8.83 5.81
C GLY A 225 5.61 -9.09 4.32
N GLY A 226 6.01 -8.11 3.51
CA GLY A 226 5.87 -8.31 2.08
C GLY A 226 5.08 -7.18 1.44
N ARG A 227 4.45 -6.43 2.37
CA ARG A 227 3.23 -5.73 2.00
C ARG A 227 3.44 -4.64 0.93
N THR A 228 4.72 -4.34 0.60
CA THR A 228 5.00 -3.46 -0.55
C THR A 228 5.60 -4.25 -1.74
N LEU A 229 5.51 -5.58 -1.72
CA LEU A 229 6.01 -6.41 -2.81
C LEU A 229 5.54 -6.05 -4.22
N ALA A 230 4.26 -5.76 -4.41
CA ALA A 230 3.79 -5.41 -5.74
C ALA A 230 4.39 -4.10 -6.24
N THR A 231 4.63 -3.16 -5.29
CA THR A 231 5.43 -2.02 -5.68
C THR A 231 6.87 -2.29 -6.08
N VAL A 232 7.58 -3.03 -5.23
CA VAL A 232 8.96 -3.45 -5.51
C VAL A 232 9.21 -4.32 -6.77
N LEU A 233 8.19 -5.03 -7.25
CA LEU A 233 8.31 -6.02 -8.33
C LEU A 233 8.24 -5.34 -9.68
N SER A 234 7.62 -4.17 -9.71
CA SER A 234 7.37 -3.44 -10.95
C SER A 234 8.67 -2.86 -11.50
N ARG A 235 9.59 -2.51 -10.61
CA ARG A 235 10.80 -1.87 -11.05
C ARG A 235 12.08 -2.63 -10.70
N ARG A 237 15.22 -5.14 -11.46
CA ARG A 237 16.02 -5.58 -12.60
C ARG A 237 15.94 -7.09 -12.82
N TYR A 238 16.28 -7.49 -14.05
CA TYR A 238 16.42 -8.90 -14.36
C TYR A 238 17.52 -9.52 -13.49
N GLY A 239 17.21 -10.72 -12.94
CA GLY A 239 18.18 -11.38 -12.06
C GLY A 239 18.07 -10.87 -10.63
N GLY A 240 17.32 -9.83 -10.28
CA GLY A 240 17.22 -9.42 -8.90
C GLY A 240 16.51 -10.28 -7.86
N ALA A 241 16.55 -9.79 -6.61
CA ALA A 241 15.98 -10.53 -5.49
C ALA A 241 15.42 -9.61 -4.41
N VAL A 242 14.45 -10.10 -3.66
CA VAL A 242 13.86 -9.33 -2.57
C VAL A 242 13.93 -10.14 -1.31
N ALA A 243 14.50 -9.56 -0.28
CA ALA A 243 14.54 -10.23 0.99
C ALA A 243 13.40 -9.71 1.83
N VAL A 244 12.50 -10.62 2.19
CA VAL A 244 11.31 -10.25 2.93
C VAL A 244 11.35 -10.82 4.31
N SER A 245 10.85 -10.03 5.26
CA SER A 245 10.81 -10.45 6.64
C SER A 245 9.78 -9.63 7.35
N GLY A 246 9.54 -9.96 8.60
CA GLY A 246 8.65 -9.20 9.44
C GLY A 246 7.22 -9.61 9.32
N LEU A 247 6.37 -8.74 9.88
CA LEU A 247 4.92 -8.87 9.85
C LEU A 247 4.41 -7.58 9.20
N THR A 248 3.21 -7.61 8.65
CA THR A 248 2.53 -6.39 8.21
C THR A 248 1.98 -5.59 9.39
N GLY A 249 0.68 -5.76 9.65
CA GLY A 249 0.07 -5.15 10.83
C GLY A 249 -1.18 -5.94 11.17
N GLY A 250 -1.43 -6.86 10.23
CA GLY A 250 -2.68 -7.58 10.09
C GLY A 250 -2.85 -7.92 8.61
N ALA A 251 -4.10 -8.11 8.19
CA ALA A 251 -4.43 -7.99 6.76
C ALA A 251 -3.28 -8.38 5.84
N GLU A 252 -3.23 -9.68 5.51
CA GLU A 252 -2.16 -10.19 4.67
C GLU A 252 -2.14 -9.51 3.29
N VAL A 253 -0.94 -9.19 2.74
CA VAL A 253 -0.83 -8.77 1.33
C VAL A 253 -0.06 -9.79 0.41
N PRO A 254 -0.75 -10.64 -0.30
CA PRO A 254 -0.10 -11.62 -1.20
C PRO A 254 0.49 -11.01 -2.50
N THR A 255 1.20 -11.83 -3.29
CA THR A 255 1.67 -11.40 -4.61
C THR A 255 1.27 -12.35 -5.67
N THR A 256 1.35 -11.89 -6.90
CA THR A 256 1.17 -12.76 -8.02
C THR A 256 2.55 -13.43 -8.16
N VAL A 257 2.63 -14.50 -8.91
CA VAL A 257 3.88 -15.20 -9.07
C VAL A 257 4.49 -14.81 -10.39
N HIS A 258 3.63 -14.50 -11.36
CA HIS A 258 4.09 -14.12 -12.68
C HIS A 258 5.29 -13.21 -12.78
N PRO A 259 5.37 -12.11 -12.01
CA PRO A 259 6.51 -11.19 -12.12
C PRO A 259 7.84 -11.82 -11.77
N PHE A 260 7.85 -12.80 -10.86
CA PHE A 260 9.11 -13.48 -10.51
C PHE A 260 9.60 -14.36 -11.67
N ILE A 261 8.65 -14.95 -12.37
CA ILE A 261 8.95 -15.78 -13.49
C ILE A 261 9.47 -14.97 -14.68
N LEU A 262 8.76 -13.89 -15.00
CA LEU A 262 9.10 -13.10 -16.19
C LEU A 262 10.46 -12.42 -16.13
N ARG A 263 10.84 -11.96 -14.95
CA ARG A 263 12.12 -11.30 -14.79
C ARG A 263 13.14 -12.15 -14.05
N GLY A 264 12.86 -13.43 -13.83
CA GLY A 264 13.81 -14.28 -13.10
C GLY A 264 14.18 -13.73 -11.75
N VAL A 265 13.19 -13.28 -11.00
CA VAL A 265 13.44 -12.67 -9.71
C VAL A 265 13.18 -13.70 -8.64
N SER A 266 13.90 -13.57 -7.53
CA SER A 266 13.81 -14.46 -6.42
C SER A 266 13.21 -13.71 -5.24
N LEU A 267 12.39 -14.41 -4.46
CA LEU A 267 11.85 -13.90 -3.21
C LEU A 267 12.54 -14.70 -2.10
N LEU A 268 13.36 -14.05 -1.26
CA LEU A 268 14.08 -14.74 -0.18
C LEU A 268 13.45 -14.50 1.19
N GLY A 269 12.79 -15.52 1.72
CA GLY A 269 12.16 -15.46 3.03
C GLY A 269 13.21 -15.44 4.11
N ILE A 270 13.27 -14.36 4.88
CA ILE A 270 14.25 -14.21 5.92
C ILE A 270 13.62 -14.44 7.29
N ASP A 271 14.11 -15.48 7.97
CA ASP A 271 13.64 -15.80 9.29
C ASP A 271 14.77 -15.70 10.28
N SER A 272 14.56 -14.84 11.26
CA SER A 272 15.55 -14.59 12.28
C SER A 272 15.32 -15.46 13.51
N VAL A 273 14.14 -16.05 13.62
CA VAL A 273 13.86 -16.88 14.79
C VAL A 273 14.69 -18.15 14.88
N TYR A 274 14.54 -19.03 13.89
CA TYR A 274 15.15 -20.35 13.98
C TYR A 274 16.47 -20.56 13.21
N CYS A 275 17.09 -19.46 12.79
CA CYS A 275 18.38 -19.50 12.09
C CYS A 275 19.41 -20.36 12.85
N PRO A 276 20.03 -21.32 12.16
CA PRO A 276 20.98 -22.24 12.80
C PRO A 276 22.27 -21.59 13.30
N ASP A 278 25.49 -21.98 13.29
CA ASP A 278 26.67 -21.69 12.45
C ASP A 278 26.50 -20.39 11.63
N LEU A 279 25.33 -20.21 11.02
CA LEU A 279 25.04 -19.00 10.26
C LEU A 279 24.90 -17.83 11.25
N ARG A 280 24.22 -18.08 12.36
CA ARG A 280 24.02 -17.09 13.39
C ARG A 280 25.35 -16.45 13.80
N LEU A 281 26.36 -17.29 14.02
CA LEU A 281 27.68 -16.80 14.40
C LEU A 281 28.31 -15.97 13.27
N ARG A 282 28.13 -16.42 12.04
CA ARG A 282 28.66 -15.72 10.88
C ARG A 282 28.08 -14.30 10.78
N ILE A 283 26.74 -14.20 10.93
CA ILE A 283 26.06 -12.92 10.86
C ILE A 283 26.56 -11.97 11.95
N TRP A 284 26.71 -12.49 13.17
CA TRP A 284 27.19 -11.65 14.27
C TRP A 284 28.62 -11.14 14.06
N GLU A 285 29.45 -11.92 13.37
CA GLU A 285 30.79 -11.49 13.01
C GLU A 285 30.67 -10.33 12.02
N ARG A 286 29.82 -10.49 11.00
CA ARG A 286 29.55 -9.41 10.05
C ARG A 286 29.04 -8.16 10.78
N LEU A 287 28.03 -8.31 11.62
CA LEU A 287 27.51 -7.19 12.40
C LEU A 287 28.58 -6.50 13.24
N ALA A 288 29.70 -7.18 13.50
CA ALA A 288 30.78 -6.56 14.28
C ALA A 288 31.79 -5.89 13.36
N GLY A 289 31.71 -6.23 12.06
CA GLY A 289 32.62 -5.71 11.05
C GLY A 289 31.91 -5.04 9.88
N ASP A 290 32.04 -5.63 8.69
CA ASP A 290 31.51 -5.03 7.46
C ASP A 290 29.99 -4.73 7.33
N LEU A 291 29.20 -5.11 8.34
CA LEU A 291 27.78 -4.82 8.33
C LEU A 291 27.39 -4.11 9.62
N LYS A 292 28.37 -3.48 10.28
CA LYS A 292 28.11 -2.71 11.50
C LYS A 292 27.47 -1.35 11.17
N PRO A 293 26.22 -1.17 11.58
CA PRO A 293 25.50 0.07 11.27
C PRO A 293 25.95 1.28 12.11
N ASP A 294 25.37 2.43 11.78
CA ASP A 294 25.59 3.69 12.46
C ASP A 294 24.60 3.78 13.62
N LEU A 295 24.89 3.05 14.69
CA LEU A 295 24.05 3.01 15.87
C LEU A 295 23.81 4.33 16.62
N GLU A 296 24.76 5.26 16.55
CA GLU A 296 24.61 6.55 17.24
C GLU A 296 23.49 7.41 16.70
N ARG A 297 23.19 7.26 15.41
CA ARG A 297 22.13 8.06 14.81
C ARG A 297 20.85 7.28 14.64
N ILE A 298 20.87 6.00 15.02
CA ILE A 298 19.71 5.14 14.87
C ILE A 298 19.07 4.79 16.20
N ALA A 299 19.91 4.46 17.18
CA ALA A 299 19.43 4.00 18.48
C ALA A 299 19.30 5.06 19.55
N GLN A 300 18.34 4.84 20.44
CA GLN A 300 18.10 5.68 21.59
C GLN A 300 17.90 4.73 22.75
N GLU A 301 18.12 5.20 23.96
CA GLU A 301 18.06 4.32 25.11
C GLU A 301 17.04 4.74 26.14
N ILE A 302 16.34 3.75 26.68
CA ILE A 302 15.33 3.97 27.71
C ILE A 302 15.59 3.01 28.87
N SER A 303 14.97 3.27 30.01
CA SER A 303 15.10 2.40 31.17
C SER A 303 13.94 1.41 31.23
N LEU A 304 13.99 0.49 32.18
CA LEU A 304 12.95 -0.51 32.31
C LEU A 304 11.59 0.09 32.64
N ALA A 305 11.61 1.19 33.40
CA ALA A 305 10.39 1.91 33.79
C ALA A 305 9.78 2.72 32.64
N GLU A 306 10.55 2.96 31.57
CA GLU A 306 10.04 3.70 30.42
C GLU A 306 9.50 2.74 29.36
N LEU A 307 9.72 1.45 29.57
CA LEU A 307 9.32 0.39 28.64
C LEU A 307 7.84 0.31 28.23
N PRO A 308 6.90 0.35 29.18
CA PRO A 308 5.49 0.30 28.81
C PRO A 308 5.16 1.28 27.68
N GLN A 309 5.58 2.54 27.84
CA GLN A 309 5.33 3.57 26.84
C GLN A 309 5.92 3.23 25.46
N ALA A 310 7.10 2.64 25.43
CA ALA A 310 7.73 2.27 24.17
C ALA A 310 7.01 1.14 23.47
N LEU A 311 6.42 0.23 24.24
CA LEU A 311 5.66 -0.88 23.66
C LEU A 311 4.37 -0.39 23.06
N LYS A 312 3.78 0.64 23.65
CA LYS A 312 2.57 1.28 23.11
C LYS A 312 2.94 1.93 21.77
N ARG A 313 4.05 2.68 21.77
CA ARG A 313 4.47 3.39 20.58
C ARG A 313 4.82 2.50 19.39
N ILE A 314 5.61 1.45 19.60
CA ILE A 314 5.93 0.55 18.49
C ILE A 314 4.67 -0.09 17.88
N LEU A 315 3.70 -0.41 18.74
CA LEU A 315 2.43 -0.95 18.30
C LEU A 315 1.70 0.07 17.44
N ARG A 316 1.70 1.33 17.88
CA ARG A 316 1.02 2.41 17.14
C ARG A 316 1.81 2.86 15.92
N GLY A 317 3.04 2.41 15.78
CA GLY A 317 3.85 2.78 14.64
C GLY A 317 4.52 4.14 14.76
N GLU A 318 4.72 4.61 15.99
CA GLU A 318 5.37 5.90 16.19
C GLU A 318 6.79 5.82 16.75
N LEU A 319 7.44 4.67 16.61
CA LEU A 319 8.83 4.49 17.06
C LEU A 319 9.73 4.41 15.85
N ARG A 320 10.68 5.31 15.78
CA ARG A 320 11.61 5.39 14.65
C ARG A 320 12.95 4.81 15.08
N GLY A 321 13.61 4.12 14.14
CA GLY A 321 14.92 3.58 14.38
C GLY A 321 14.92 2.44 15.37
N ARG A 322 15.80 2.53 16.38
CA ARG A 322 15.91 1.50 17.39
C ARG A 322 15.88 2.03 18.84
N THR A 323 15.28 1.25 19.72
CA THR A 323 15.19 1.59 21.14
C THR A 323 15.76 0.46 21.99
N VAL A 324 16.81 0.77 22.75
CA VAL A 324 17.40 -0.21 23.62
C VAL A 324 17.02 0.05 25.07
N VAL A 325 16.69 -1.02 25.79
CA VAL A 325 16.31 -0.90 27.19
C VAL A 325 17.44 -1.27 28.13
N ARG A 326 17.91 -0.28 28.89
CA ARG A 326 18.93 -0.53 29.92
C ARG A 326 18.22 -1.17 31.08
N LEU A 327 18.62 -2.37 31.44
CA LEU A 327 17.97 -3.05 32.53
C LEU A 327 18.50 -2.70 33.89
N ALA A 328 17.56 -2.45 34.82
CA ALA A 328 17.82 -2.05 36.21
C ALA A 328 18.20 -0.56 36.38
N SER B 2 -17.87 16.96 -43.39
CA SER B 2 -17.11 17.14 -44.67
C SER B 2 -15.63 16.87 -44.42
N ALA B 3 -15.04 17.68 -43.53
CA ALA B 3 -13.64 17.58 -43.14
C ALA B 3 -13.50 18.28 -41.80
N PHE B 4 -13.60 17.51 -40.73
CA PHE B 4 -13.60 18.05 -39.37
C PHE B 4 -12.33 17.70 -38.60
N GLN B 5 -12.23 18.21 -37.38
CA GLN B 5 -11.05 17.96 -36.53
C GLN B 5 -11.21 16.72 -35.67
N ALA B 6 -10.09 16.04 -35.39
CA ALA B 6 -10.06 14.87 -34.54
C ALA B 6 -8.67 14.64 -33.95
N PHE B 7 -8.62 13.93 -32.82
CA PHE B 7 -7.36 13.56 -32.19
C PHE B 7 -7.06 12.15 -32.69
N VAL B 8 -5.95 12.01 -33.40
CA VAL B 8 -5.61 10.74 -34.04
C VAL B 8 -4.33 10.06 -33.50
N VAL B 9 -4.46 8.80 -33.11
CA VAL B 9 -3.28 8.02 -32.73
C VAL B 9 -2.89 7.12 -33.92
N ASN B 10 -1.58 7.05 -34.17
CA ASN B 10 -1.05 6.24 -35.27
C ASN B 10 0.36 5.70 -34.95
N LYS B 11 0.66 4.50 -35.42
CA LYS B 11 1.95 3.87 -35.16
C LYS B 11 2.47 2.99 -36.29
N THR B 12 3.49 3.49 -37.00
CA THR B 12 4.10 2.75 -38.09
C THR B 12 5.36 2.03 -37.59
N GLU B 13 6.21 1.62 -38.52
CA GLU B 13 7.45 0.93 -38.18
C GLU B 13 8.64 1.89 -38.24
N THR B 14 8.51 3.00 -37.52
CA THR B 14 9.54 4.03 -37.46
C THR B 14 9.22 4.98 -36.30
N GLU B 15 7.96 5.38 -36.20
CA GLU B 15 7.55 6.32 -35.15
C GLU B 15 6.13 6.06 -34.63
N PHE B 16 5.75 6.84 -33.62
CA PHE B 16 4.42 6.82 -33.04
C PHE B 16 3.95 8.27 -33.07
N THR B 17 2.81 8.51 -33.71
CA THR B 17 2.28 9.86 -33.82
C THR B 17 0.93 10.03 -33.15
N ALA B 18 0.79 11.11 -32.38
CA ALA B 18 -0.44 11.41 -31.67
C ALA B 18 -0.65 12.92 -31.57
N GLY B 19 -1.40 13.46 -32.52
CA GLY B 19 -1.70 14.88 -32.55
C GLY B 19 -3.09 15.14 -33.06
N VAL B 20 -3.41 16.42 -33.26
CA VAL B 20 -4.71 16.83 -33.76
C VAL B 20 -4.65 17.13 -35.26
N GLN B 21 -5.18 16.22 -36.07
CA GLN B 21 -5.23 16.41 -37.52
C GLN B 21 -6.67 16.43 -38.04
N THR B 22 -6.88 17.05 -39.19
CA THR B 22 -8.22 17.14 -39.78
C THR B 22 -8.54 15.94 -40.68
N ILE B 23 -9.54 15.14 -40.27
CA ILE B 23 -9.95 13.97 -41.04
C ILE B 23 -11.36 14.16 -41.63
N SER B 24 -11.65 13.42 -42.69
CA SER B 24 -12.94 13.55 -43.37
C SER B 24 -14.02 12.59 -42.85
N ASP B 26 -15.10 10.00 -44.41
CA ASP B 26 -14.76 8.64 -44.83
C ASP B 26 -13.82 7.90 -43.87
N ASP B 27 -13.32 8.59 -42.85
CA ASP B 27 -12.40 7.99 -41.89
C ASP B 27 -13.09 7.29 -40.73
N LEU B 28 -14.35 7.65 -40.48
CA LEU B 28 -15.13 7.03 -39.42
C LEU B 28 -15.64 5.65 -39.85
N PRO B 29 -15.64 4.69 -38.93
CA PRO B 29 -16.09 3.32 -39.22
C PRO B 29 -17.61 3.24 -39.32
N GLU B 30 -18.11 2.10 -39.78
CA GLU B 30 -19.55 1.88 -39.97
C GLU B 30 -20.42 2.06 -38.71
N GLY B 31 -21.63 2.57 -38.91
CA GLY B 31 -22.59 2.79 -37.84
C GLY B 31 -23.89 3.36 -38.36
N ASP B 32 -24.99 3.09 -37.68
CA ASP B 32 -26.30 3.60 -38.11
C ASP B 32 -26.66 4.97 -37.53
N VAL B 33 -25.93 5.40 -36.50
CA VAL B 33 -26.20 6.70 -35.89
C VAL B 33 -25.01 7.65 -35.98
N LEU B 34 -25.24 8.80 -36.60
CA LEU B 34 -24.23 9.84 -36.74
C LEU B 34 -24.46 10.90 -35.67
N VAL B 35 -23.51 11.04 -34.76
CA VAL B 35 -23.61 11.99 -33.66
C VAL B 35 -22.55 13.08 -33.80
N ARG B 36 -22.99 14.33 -33.74
CA ARG B 36 -22.09 15.46 -33.74
C ARG B 36 -21.73 15.70 -32.28
N VAL B 37 -20.51 15.32 -31.92
CA VAL B 37 -20.03 15.44 -30.55
C VAL B 37 -19.82 16.88 -30.10
N HIS B 38 -20.34 17.21 -28.93
CA HIS B 38 -20.15 18.53 -28.35
C HIS B 38 -19.08 18.45 -27.25
N TYR B 39 -19.23 17.47 -26.37
CA TYR B 39 -18.28 17.30 -25.28
C TYR B 39 -17.74 15.90 -25.15
N SER B 40 -16.49 15.82 -24.71
CA SER B 40 -15.88 14.56 -24.36
C SER B 40 -15.23 14.72 -22.98
N SER B 41 -14.52 13.71 -22.51
CA SER B 41 -13.84 13.82 -21.23
C SER B 41 -12.52 13.11 -21.25
N VAL B 42 -11.61 13.58 -20.39
CA VAL B 42 -10.32 12.94 -20.26
C VAL B 42 -10.42 11.87 -19.17
N ASN B 43 -9.91 10.67 -19.48
CA ASN B 43 -9.98 9.56 -18.55
C ASN B 43 -8.63 8.87 -18.49
N TYR B 44 -8.36 8.18 -17.38
CA TYR B 44 -7.12 7.44 -17.26
C TYR B 44 -6.99 6.50 -18.45
N LYS B 45 -8.06 5.74 -18.72
CA LYS B 45 -8.13 4.80 -19.84
C LYS B 45 -7.80 5.49 -21.17
N ASP B 46 -8.29 6.72 -21.35
CA ASP B 46 -8.03 7.49 -22.56
C ASP B 46 -6.54 7.82 -22.73
N GLY B 47 -5.85 8.02 -21.60
CA GLY B 47 -4.43 8.33 -21.63
C GLY B 47 -3.61 7.15 -22.10
N LEU B 48 -4.00 5.95 -21.67
CA LEU B 48 -3.32 4.73 -22.06
C LEU B 48 -3.53 4.45 -23.54
N ALA B 49 -4.70 4.86 -24.05
CA ALA B 49 -5.04 4.69 -25.44
C ALA B 49 -4.41 5.79 -26.30
N SER B 50 -3.82 6.78 -25.64
CA SER B 50 -3.19 7.92 -26.31
C SER B 50 -1.69 7.70 -26.37
N ILE B 51 -1.27 6.50 -25.94
CA ILE B 51 0.13 6.16 -25.81
C ILE B 51 0.36 4.73 -26.34
N PRO B 52 1.60 4.42 -26.77
CA PRO B 52 1.97 3.12 -27.30
C PRO B 52 1.71 1.94 -26.36
N ASP B 53 2.45 1.94 -25.22
CA ASP B 53 2.48 0.75 -24.35
C ASP B 53 1.30 0.72 -23.37
N GLY B 54 0.44 1.76 -23.46
CA GLY B 54 -0.89 1.61 -22.89
C GLY B 54 -1.59 0.49 -23.66
N LYS B 55 -1.84 -0.63 -22.94
CA LYS B 55 -2.42 -1.77 -23.65
C LYS B 55 -3.94 -1.69 -23.78
N ILE B 56 -4.40 -0.71 -24.57
CA ILE B 56 -5.84 -0.60 -24.80
C ILE B 56 -6.18 -0.50 -26.30
N VAL B 57 -5.45 0.33 -27.06
CA VAL B 57 -5.71 0.41 -28.51
C VAL B 57 -4.81 -0.51 -29.33
N LYS B 58 -5.42 -1.46 -30.04
CA LYS B 58 -4.70 -2.47 -30.81
C LYS B 58 -4.70 -2.25 -32.34
N THR B 59 -5.85 -1.82 -32.88
CA THR B 59 -5.84 -1.48 -34.30
C THR B 59 -5.14 -0.16 -34.54
N PRO B 61 -4.79 3.14 -37.05
CA PRO B 61 -5.33 4.50 -37.09
C PRO B 61 -6.63 4.65 -36.30
N PHE B 62 -6.62 5.38 -35.16
CA PHE B 62 -7.75 5.40 -34.24
C PHE B 62 -7.95 6.76 -33.56
N VAL B 63 -9.19 7.07 -33.19
CA VAL B 63 -9.48 8.28 -32.42
C VAL B 63 -10.04 7.86 -31.04
N PRO B 64 -9.31 8.20 -29.97
CA PRO B 64 -9.68 7.80 -28.59
C PRO B 64 -10.91 8.52 -28.02
N GLY B 65 -11.15 8.37 -26.72
CA GLY B 65 -12.28 8.99 -26.03
C GLY B 65 -13.38 8.00 -25.74
N ILE B 66 -13.37 7.41 -24.51
CA ILE B 66 -14.41 6.43 -24.14
C ILE B 66 -15.76 7.10 -23.99
N ASP B 67 -15.73 8.42 -23.87
CA ASP B 67 -16.94 9.18 -23.64
C ASP B 67 -17.41 10.06 -24.81
N LEU B 68 -18.72 10.03 -25.04
CA LEU B 68 -19.36 10.76 -26.14
C LEU B 68 -20.62 11.42 -25.64
N ALA B 69 -20.84 12.66 -26.07
CA ALA B 69 -22.08 13.41 -25.78
C ALA B 69 -22.29 14.44 -26.87
N GLY B 70 -23.48 14.48 -27.44
CA GLY B 70 -23.75 15.41 -28.51
C GLY B 70 -25.11 15.28 -29.15
N VAL B 71 -25.23 15.82 -30.36
CA VAL B 71 -26.49 15.85 -31.09
C VAL B 71 -26.45 14.91 -32.31
N VAL B 72 -27.57 14.24 -32.56
CA VAL B 72 -27.70 13.31 -33.68
C VAL B 72 -27.92 14.01 -35.04
N VAL B 73 -27.13 13.60 -36.02
CA VAL B 73 -27.22 14.15 -37.38
C VAL B 73 -28.11 13.26 -38.27
N SER B 74 -27.93 11.93 -38.18
CA SER B 74 -28.71 10.98 -38.96
C SER B 74 -28.82 9.65 -38.21
N SER B 75 -29.99 9.01 -38.25
CA SER B 75 -30.21 7.74 -37.57
C SER B 75 -31.43 6.94 -38.06
N GLN B 76 -31.44 5.65 -37.73
CA GLN B 76 -32.53 4.73 -38.08
C GLN B 76 -32.79 3.80 -36.88
N HIS B 77 -33.09 4.41 -35.74
CA HIS B 77 -33.35 3.71 -34.47
C HIS B 77 -34.13 4.71 -33.61
N PRO B 78 -35.16 4.24 -32.89
CA PRO B 78 -35.98 5.14 -32.06
C PRO B 78 -35.26 5.61 -30.78
N GLU B 82 -33.43 12.33 -35.35
CA GLU B 82 -32.50 13.41 -35.64
C GLU B 82 -32.70 14.63 -34.72
N GLY B 83 -31.60 15.25 -34.32
CA GLY B 83 -31.64 16.38 -33.41
C GLY B 83 -31.79 15.95 -31.95
N ASP B 84 -31.54 14.65 -31.69
CA ASP B 84 -31.67 14.08 -30.36
C ASP B 84 -30.37 14.23 -29.54
N GLU B 85 -30.47 14.79 -28.34
CA GLU B 85 -29.32 14.92 -27.45
C GLU B 85 -29.09 13.53 -26.87
N VAL B 86 -27.86 13.03 -26.97
CA VAL B 86 -27.54 11.66 -26.55
C VAL B 86 -26.14 11.51 -25.93
N ILE B 87 -25.97 10.48 -25.11
CA ILE B 87 -24.68 10.17 -24.49
C ILE B 87 -24.29 8.75 -24.88
N ALA B 88 -22.99 8.51 -24.96
CA ALA B 88 -22.45 7.20 -25.24
C ALA B 88 -21.31 6.94 -24.27
N THR B 89 -21.40 5.83 -23.54
CA THR B 89 -20.37 5.51 -22.56
C THR B 89 -20.05 4.01 -22.47
N GLY B 90 -18.75 3.70 -22.40
CA GLY B 90 -18.33 2.33 -22.31
C GLY B 90 -18.35 1.63 -23.65
N TYR B 91 -18.71 0.35 -23.62
CA TYR B 91 -18.75 -0.49 -24.83
C TYR B 91 -17.46 -0.39 -25.64
N GLU B 92 -17.59 -0.47 -26.96
CA GLU B 92 -16.54 -0.22 -27.94
C GLU B 92 -16.25 1.28 -28.17
N ILE B 93 -16.45 2.17 -27.21
CA ILE B 93 -16.27 3.57 -27.62
C ILE B 93 -14.85 4.08 -27.40
N GLY B 94 -14.22 3.63 -26.33
CA GLY B 94 -12.87 4.11 -26.10
C GLY B 94 -11.85 3.23 -26.80
N VAL B 95 -12.29 1.97 -26.80
CA VAL B 95 -11.42 0.86 -27.12
C VAL B 95 -11.33 0.36 -28.60
N THR B 96 -12.35 -0.41 -29.05
CA THR B 96 -12.30 -1.00 -30.41
C THR B 96 -12.94 -0.17 -31.52
N HIS B 97 -13.90 0.67 -31.15
CA HIS B 97 -14.62 1.50 -32.11
C HIS B 97 -14.23 2.97 -31.90
N PHE B 98 -14.04 3.72 -32.99
CA PHE B 98 -13.62 5.13 -32.94
C PHE B 98 -14.36 5.92 -31.87
N GLY B 99 -13.62 6.73 -31.11
CA GLY B 99 -14.18 7.45 -29.97
C GLY B 99 -14.69 8.86 -30.14
N GLY B 100 -14.72 9.58 -29.00
CA GLY B 100 -15.25 10.92 -28.93
C GLY B 100 -14.29 12.09 -28.95
N TYR B 101 -13.02 11.85 -29.26
CA TYR B 101 -12.05 12.92 -29.41
C TYR B 101 -12.07 13.32 -30.87
N SER B 102 -13.29 13.60 -31.36
CA SER B 102 -13.53 13.92 -32.76
C SER B 102 -14.84 14.70 -32.86
N GLU B 103 -14.90 15.65 -33.79
CA GLU B 103 -16.09 16.50 -33.96
C GLU B 103 -17.37 15.72 -34.27
N TYR B 104 -17.23 14.65 -35.06
CA TYR B 104 -18.35 13.75 -35.36
C TYR B 104 -17.93 12.34 -35.02
N ALA B 105 -18.89 11.50 -34.65
CA ALA B 105 -18.60 10.09 -34.40
C ALA B 105 -19.75 9.20 -34.86
N ARG B 106 -19.42 8.13 -35.56
CA ARG B 106 -20.42 7.16 -36.02
C ARG B 106 -20.42 6.01 -35.03
N LEU B 107 -21.62 5.61 -34.60
CA LEU B 107 -21.78 4.52 -33.64
C LEU B 107 -23.06 3.74 -33.90
N HIS B 108 -23.23 2.65 -33.15
CA HIS B 108 -24.43 1.84 -33.22
C HIS B 108 -25.43 2.33 -32.16
N GLY B 109 -26.72 2.23 -32.46
CA GLY B 109 -27.76 2.69 -31.55
C GLY B 109 -27.88 1.93 -30.24
N GLU B 110 -27.35 0.71 -30.22
CA GLU B 110 -27.36 -0.13 -29.03
C GLU B 110 -26.53 0.44 -27.86
N TRP B 111 -25.61 1.36 -28.18
CA TRP B 111 -24.72 1.95 -27.17
C TRP B 111 -25.28 3.23 -26.62
N LEU B 112 -26.16 3.86 -27.41
CA LEU B 112 -26.70 5.16 -27.07
C LEU B 112 -27.71 5.19 -25.95
N VAL B 113 -27.61 6.24 -25.13
CA VAL B 113 -28.51 6.48 -24.02
C VAL B 113 -29.07 7.88 -24.24
N PRO B 114 -30.38 8.01 -24.39
CA PRO B 114 -31.00 9.34 -24.54
C PRO B 114 -30.62 10.20 -23.32
N LEU B 115 -30.08 11.38 -23.56
CA LEU B 115 -29.66 12.32 -22.50
C LEU B 115 -30.80 12.58 -21.52
N PRO B 116 -30.63 12.15 -20.27
CA PRO B 116 -31.65 12.26 -19.22
C PRO B 116 -32.06 13.69 -18.88
N LYS B 117 -33.34 13.85 -18.54
CA LYS B 117 -33.89 15.16 -18.15
C LYS B 117 -33.26 15.58 -16.83
N GLY B 118 -32.82 16.84 -16.77
CA GLY B 118 -32.17 17.35 -15.57
C GLY B 118 -30.65 17.29 -15.69
N LEU B 119 -30.17 16.98 -16.89
CA LEU B 119 -28.75 16.95 -17.17
C LEU B 119 -28.42 17.61 -18.51
N THR B 120 -27.25 18.27 -18.53
CA THR B 120 -26.73 18.97 -19.72
C THR B 120 -25.63 18.10 -20.35
N LEU B 121 -25.41 18.30 -21.65
CA LEU B 121 -24.35 17.59 -22.38
C LEU B 121 -23.00 17.68 -21.67
N LYS B 122 -22.59 18.89 -21.29
CA LYS B 122 -21.32 19.12 -20.57
C LYS B 122 -21.34 18.44 -19.20
N GLU B 123 -22.47 18.48 -18.51
CA GLU B 123 -22.63 17.85 -17.20
C GLU B 123 -22.50 16.33 -17.33
N ALA B 124 -23.06 15.77 -18.41
CA ALA B 124 -22.99 14.34 -18.67
C ALA B 124 -21.54 13.89 -18.82
N ALA B 126 -18.92 15.78 -17.62
CA ALA B 126 -18.22 16.14 -16.40
C ALA B 126 -18.29 14.88 -15.55
N ILE B 127 -19.45 14.22 -15.67
CA ILE B 127 -19.69 12.96 -15.00
C ILE B 127 -18.96 11.87 -15.80
N GLY B 128 -19.36 11.67 -17.05
CA GLY B 128 -18.74 10.67 -17.92
C GLY B 128 -18.59 9.29 -17.34
N THR B 129 -17.64 8.53 -17.89
CA THR B 129 -17.37 7.18 -17.43
C THR B 129 -17.12 7.17 -15.93
N ALA B 130 -16.23 8.05 -15.47
CA ALA B 130 -15.87 8.12 -14.07
C ALA B 130 -17.08 8.21 -13.15
N GLY B 131 -17.92 9.20 -13.40
CA GLY B 131 -19.11 9.41 -12.62
C GLY B 131 -20.04 8.23 -12.70
N PHE B 132 -20.12 7.62 -13.88
CA PHE B 132 -20.98 6.45 -14.08
C PHE B 132 -20.47 5.31 -13.21
N THR B 133 -19.16 5.05 -13.27
CA THR B 133 -18.56 3.99 -12.47
C THR B 133 -18.90 4.20 -10.99
N ALA B 134 -18.73 5.43 -10.52
CA ALA B 134 -18.97 5.77 -9.13
C ALA B 134 -20.44 5.55 -8.77
N ALA B 135 -21.33 6.09 -9.60
CA ALA B 135 -22.76 5.96 -9.39
C ALA B 135 -23.17 4.50 -9.42
N LEU B 136 -22.65 3.76 -10.40
CA LEU B 136 -22.94 2.33 -10.50
C LEU B 136 -22.40 1.59 -9.28
N SER B 137 -21.31 2.10 -8.70
CA SER B 137 -20.75 1.49 -7.51
C SER B 137 -21.67 1.70 -6.32
N ILE B 138 -21.99 2.95 -6.02
CA ILE B 138 -22.86 3.26 -4.90
C ILE B 138 -24.14 2.45 -5.00
N HIS B 139 -24.76 2.48 -6.18
CA HIS B 139 -26.00 1.76 -6.46
C HIS B 139 -25.89 0.29 -6.09
N ARG B 140 -24.83 -0.35 -6.58
CA ARG B 140 -24.57 -1.75 -6.33
C ARG B 140 -24.41 -2.01 -4.84
N LEU B 141 -23.87 -1.06 -4.11
CA LEU B 141 -23.70 -1.17 -2.66
C LEU B 141 -25.03 -1.05 -1.93
N GLU B 142 -25.88 -0.13 -2.38
CA GLU B 142 -27.16 0.13 -1.73
C GLU B 142 -28.15 -1.01 -1.89
N GLU B 143 -28.08 -1.71 -3.03
CA GLU B 143 -28.95 -2.86 -3.21
C GLU B 143 -28.39 -4.08 -2.48
N HIS B 144 -27.27 -3.87 -1.80
CA HIS B 144 -26.70 -4.92 -0.96
C HIS B 144 -27.00 -4.65 0.52
N GLY B 145 -27.83 -3.65 0.76
CA GLY B 145 -28.25 -3.32 2.11
C GLY B 145 -27.68 -2.06 2.75
N LEU B 146 -26.70 -1.42 2.08
CA LEU B 146 -26.08 -0.21 2.61
C LEU B 146 -26.99 1.01 2.67
N THR B 147 -27.05 1.63 3.86
CA THR B 147 -27.79 2.86 4.11
C THR B 147 -26.94 3.72 5.06
N PRO B 148 -27.18 5.03 5.11
CA PRO B 148 -26.45 5.92 6.02
C PRO B 148 -26.36 5.52 7.50
N GLU B 149 -27.35 4.79 8.03
CA GLU B 149 -27.31 4.40 9.44
C GLU B 149 -26.42 3.19 9.73
N ARG B 150 -25.86 2.60 8.69
CA ARG B 150 -24.99 1.45 8.84
C ARG B 150 -23.59 1.86 9.30
N GLY B 151 -23.24 3.11 9.05
CA GLY B 151 -21.91 3.61 9.38
C GLY B 151 -21.26 4.33 8.21
N PRO B 152 -20.07 4.88 8.44
CA PRO B 152 -19.38 5.67 7.43
C PRO B 152 -18.91 4.87 6.23
N VAL B 153 -18.78 5.55 5.09
CA VAL B 153 -18.34 4.90 3.87
C VAL B 153 -16.95 5.39 3.49
N LEU B 154 -16.05 4.45 3.24
CA LEU B 154 -14.65 4.69 3.00
C LEU B 154 -14.33 4.71 1.50
N VAL B 155 -14.41 5.89 0.89
CA VAL B 155 -13.81 5.96 -0.42
C VAL B 155 -12.27 5.96 -0.31
N THR B 156 -11.64 5.60 -1.43
CA THR B 156 -10.21 5.59 -1.68
C THR B 156 -9.89 6.17 -3.04
N GLY B 157 -10.96 6.37 -3.82
CA GLY B 157 -10.78 7.05 -5.10
C GLY B 157 -10.06 8.38 -4.92
N ALA B 158 -10.43 9.08 -3.83
CA ALA B 158 -9.77 10.34 -3.58
C ALA B 158 -9.85 11.19 -4.84
N THR B 159 -8.70 11.79 -5.22
CA THR B 159 -8.85 12.66 -6.37
C THR B 159 -8.81 12.03 -7.75
N GLY B 160 -8.95 10.73 -7.89
CA GLY B 160 -9.33 10.17 -9.15
C GLY B 160 -10.66 10.77 -9.55
N GLY B 161 -10.80 10.65 -10.87
CA GLY B 161 -12.09 10.99 -11.44
C GLY B 161 -13.17 10.28 -10.62
N VAL B 162 -13.29 8.96 -10.86
CA VAL B 162 -14.01 8.12 -9.93
C VAL B 162 -13.40 8.31 -8.54
N GLY B 163 -14.29 8.49 -7.54
CA GLY B 163 -13.81 8.75 -6.18
C GLY B 163 -14.14 10.18 -5.72
N SER B 164 -13.60 11.17 -6.44
CA SER B 164 -13.93 12.57 -6.24
C SER B 164 -15.43 12.65 -6.41
N LEU B 165 -15.92 12.00 -7.46
CA LEU B 165 -17.34 11.96 -7.75
C LEU B 165 -18.10 11.08 -6.76
N ALA B 166 -17.46 10.00 -6.31
CA ALA B 166 -18.06 9.10 -5.32
C ALA B 166 -18.30 9.83 -4.00
N VAL B 167 -17.32 10.59 -3.54
CA VAL B 167 -17.43 11.36 -2.30
C VAL B 167 -18.63 12.30 -2.37
N SER B 168 -18.63 13.18 -3.37
CA SER B 168 -19.71 14.14 -3.57
C SER B 168 -21.06 13.44 -3.56
N LEU B 170 -21.97 10.42 -2.33
CA LEU B 170 -22.32 9.87 -1.03
C LEU B 170 -22.64 10.98 -0.01
N ALA B 171 -21.90 12.08 -0.10
CA ALA B 171 -22.12 13.22 0.79
C ALA B 171 -23.51 13.77 0.56
N LYS B 172 -23.86 13.95 -0.71
CA LYS B 172 -25.18 14.47 -1.08
C LYS B 172 -26.26 13.47 -0.74
N ARG B 173 -25.88 12.21 -0.64
CA ARG B 173 -26.83 11.17 -0.27
C ARG B 173 -27.09 11.11 1.23
N GLY B 174 -26.32 11.86 2.02
CA GLY B 174 -26.46 11.88 3.46
C GLY B 174 -25.52 10.93 4.22
N TYR B 175 -24.61 10.28 3.50
CA TYR B 175 -23.66 9.36 4.14
C TYR B 175 -22.53 10.09 4.84
N THR B 176 -21.95 9.43 5.84
CA THR B 176 -20.74 9.94 6.49
C THR B 176 -19.61 9.38 5.65
N VAL B 177 -18.79 10.27 5.08
CA VAL B 177 -17.74 9.81 4.18
C VAL B 177 -16.34 10.03 4.69
N GLU B 178 -15.54 8.96 4.61
CA GLU B 178 -14.15 9.02 4.95
C GLU B 178 -13.40 8.81 3.65
N ALA B 179 -12.69 9.85 3.23
CA ALA B 179 -11.95 9.81 1.96
C ALA B 179 -10.47 9.56 2.18
N SER B 180 -9.87 8.76 1.30
CA SER B 180 -8.45 8.46 1.42
C SER B 180 -7.65 8.89 0.19
N THR B 181 -6.48 9.51 0.44
CA THR B 181 -5.54 9.95 -0.59
C THR B 181 -4.12 10.04 -0.03
N GLY B 182 -3.12 10.19 -0.91
CA GLY B 182 -1.74 10.30 -0.48
C GLY B 182 -1.18 11.71 -0.62
N LYS B 183 -1.97 12.61 -1.18
CA LYS B 183 -1.55 13.99 -1.41
C LYS B 183 -2.07 14.94 -0.32
N ALA B 184 -1.15 15.64 0.35
CA ALA B 184 -1.47 16.53 1.45
C ALA B 184 -2.18 17.83 1.07
N ALA B 185 -2.17 18.18 -0.21
CA ALA B 185 -2.77 19.43 -0.67
C ALA B 185 -4.25 19.33 -1.03
N GLU B 186 -4.79 18.10 -1.03
CA GLU B 186 -6.19 17.86 -1.40
C GLU B 186 -7.10 17.57 -0.20
N HIS B 187 -6.67 17.96 1.00
CA HIS B 187 -7.45 17.73 2.22
C HIS B 187 -8.62 18.69 2.35
N ASP B 188 -8.36 19.97 2.06
CA ASP B 188 -9.39 21.00 2.12
C ASP B 188 -10.39 20.79 0.99
N TYR B 189 -9.88 20.28 -0.13
CA TYR B 189 -10.68 20.02 -1.32
C TYR B 189 -11.69 18.88 -1.11
N LEU B 190 -11.29 17.84 -0.38
CA LEU B 190 -12.16 16.68 -0.13
C LEU B 190 -13.30 16.93 0.88
N ARG B 191 -13.10 17.92 1.75
CA ARG B 191 -14.13 18.29 2.74
C ARG B 191 -15.21 19.14 2.08
N VAL B 192 -14.82 19.89 1.04
CA VAL B 192 -15.74 20.73 0.28
C VAL B 192 -16.64 19.85 -0.60
N LEU B 193 -16.13 18.69 -1.00
CA LEU B 193 -16.92 17.73 -1.75
C LEU B 193 -17.97 17.14 -0.81
N GLY B 194 -17.64 17.13 0.49
CA GLY B 194 -18.54 16.64 1.52
C GLY B 194 -18.03 15.49 2.37
N ALA B 195 -16.72 15.20 2.32
CA ALA B 195 -16.15 14.13 3.15
C ALA B 195 -16.00 14.60 4.59
N LYS B 196 -16.57 13.82 5.52
CA LYS B 196 -16.52 14.13 6.94
C LYS B 196 -15.10 14.18 7.51
N GLU B 197 -14.25 13.27 7.04
CA GLU B 197 -12.84 13.28 7.44
C GLU B 197 -11.90 12.65 6.40
N VAL B 198 -10.66 13.13 6.38
CA VAL B 198 -9.66 12.68 5.43
C VAL B 198 -8.61 11.82 6.12
N LEU B 199 -8.38 10.63 5.59
CA LEU B 199 -7.39 9.70 6.14
C LEU B 199 -6.04 9.95 5.47
N ALA B 200 -4.97 9.89 6.28
CA ALA B 200 -3.60 10.12 5.78
C ALA B 200 -3.08 8.94 4.95
N GLU B 207 -1.25 -0.03 8.33
CA GLU B 207 -2.28 -0.37 9.31
C GLU B 207 -1.65 -0.73 10.65
N ARG B 208 -2.22 -0.12 11.71
CA ARG B 208 -1.76 -0.15 13.07
C ARG B 208 -2.76 -0.95 13.86
N ILE B 209 -2.30 -1.50 14.97
CA ILE B 209 -3.08 -2.54 15.57
C ILE B 209 -3.30 -2.28 17.02
N ARG B 210 -2.69 -1.25 17.59
CA ARG B 210 -3.53 -0.50 18.49
C ARG B 210 -4.14 0.54 17.55
N PRO B 211 -4.59 1.66 18.04
CA PRO B 211 -6.00 1.85 18.45
C PRO B 211 -7.04 0.82 17.98
N LEU B 212 -8.36 1.10 18.04
CA LEU B 212 -9.32 -0.01 17.92
C LEU B 212 -9.85 -0.29 16.51
N ASP B 213 -9.41 0.49 15.50
CA ASP B 213 -9.95 0.37 14.12
C ASP B 213 -10.01 -1.13 13.65
N LYS B 214 -11.16 -1.82 13.92
CA LYS B 214 -11.29 -3.29 13.70
C LYS B 214 -12.70 -3.68 13.13
N GLN B 215 -13.64 -2.73 13.27
CA GLN B 215 -14.84 -2.77 12.44
C GLN B 215 -15.56 -1.42 12.44
N ARG B 216 -15.30 -0.61 11.41
CA ARG B 216 -15.80 0.76 11.41
C ARG B 216 -16.30 1.34 10.09
N TRP B 217 -16.19 0.57 9.00
CA TRP B 217 -16.68 1.03 7.70
C TRP B 217 -17.83 0.15 7.21
N ALA B 218 -18.98 0.79 6.97
CA ALA B 218 -20.17 0.10 6.47
C ALA B 218 -19.96 -0.44 5.05
N ALA B 219 -19.34 0.38 4.21
CA ALA B 219 -18.99 -0.04 2.85
C ALA B 219 -17.70 0.63 2.44
N ALA B 220 -17.28 0.40 1.21
CA ALA B 220 -16.09 1.03 0.68
C ALA B 220 -16.17 1.17 -0.82
N VAL B 221 -15.53 2.20 -1.34
CA VAL B 221 -15.41 2.38 -2.77
C VAL B 221 -13.91 2.42 -3.05
N ASP B 222 -13.45 1.40 -3.78
CA ASP B 222 -12.05 1.23 -4.13
C ASP B 222 -11.95 1.31 -5.64
N PRO B 223 -11.57 2.48 -6.15
CA PRO B 223 -11.48 2.73 -7.60
C PRO B 223 -10.08 2.52 -8.19
N VAL B 224 -9.19 1.87 -7.46
CA VAL B 224 -7.84 1.68 -7.95
C VAL B 224 -7.52 0.21 -8.13
N GLY B 225 -8.51 -0.54 -8.63
CA GLY B 225 -8.35 -1.95 -8.93
C GLY B 225 -8.18 -2.89 -7.77
N GLY B 226 -8.63 -2.45 -6.59
CA GLY B 226 -8.61 -3.18 -5.32
C GLY B 226 -7.24 -3.07 -4.64
N ARG B 227 -6.48 -2.06 -5.09
CA ARG B 227 -5.18 -1.72 -4.54
C ARG B 227 -5.17 -1.74 -3.00
N THR B 228 -6.26 -1.20 -2.45
CA THR B 228 -6.27 -0.97 -1.01
C THR B 228 -7.15 -1.97 -0.24
N LEU B 229 -7.73 -2.93 -0.94
CA LEU B 229 -8.50 -4.01 -0.36
C LEU B 229 -7.87 -4.64 0.87
N ALA B 230 -6.57 -4.89 0.82
CA ALA B 230 -5.88 -5.58 1.89
C ALA B 230 -5.99 -4.92 3.25
N THR B 231 -5.96 -3.59 3.30
CA THR B 231 -6.10 -2.87 4.58
C THR B 231 -7.55 -2.54 4.88
N VAL B 232 -8.34 -2.28 3.84
CA VAL B 232 -9.77 -2.02 3.99
C VAL B 232 -10.46 -3.19 4.72
N LEU B 233 -10.28 -4.40 4.18
CA LEU B 233 -10.92 -5.62 4.67
C LEU B 233 -10.89 -5.89 6.16
N SER B 234 -9.84 -5.44 6.83
CA SER B 234 -9.70 -5.73 8.25
C SER B 234 -10.27 -4.65 9.16
N ARG B 235 -11.11 -3.79 8.58
CA ARG B 235 -11.78 -2.73 9.33
C ARG B 235 -13.20 -2.55 8.78
N ARG B 237 -17.23 -3.43 8.66
CA ARG B 237 -18.30 -3.93 9.50
C ARG B 237 -18.86 -5.29 9.03
N TYR B 238 -19.37 -6.07 10.01
CA TYR B 238 -19.90 -7.40 9.73
C TYR B 238 -21.16 -7.34 8.86
N GLY B 239 -20.95 -7.58 7.55
CA GLY B 239 -22.04 -7.55 6.57
C GLY B 239 -21.73 -6.63 5.38
N GLY B 240 -20.70 -5.79 5.60
CA GLY B 240 -20.38 -4.76 4.63
C GLY B 240 -19.94 -5.33 3.30
N ALA B 241 -19.78 -4.39 2.36
CA ALA B 241 -19.33 -4.72 1.02
C ALA B 241 -18.31 -3.70 0.53
N VAL B 242 -17.62 -4.03 -0.55
CA VAL B 242 -16.63 -3.11 -1.13
C VAL B 242 -16.84 -3.13 -2.64
N ALA B 243 -17.01 -1.95 -3.22
CA ALA B 243 -17.16 -1.84 -4.66
C ALA B 243 -15.80 -1.55 -5.27
N VAL B 244 -15.26 -2.50 -6.02
CA VAL B 244 -13.97 -2.30 -6.69
C VAL B 244 -14.15 -2.06 -8.17
N SER B 245 -13.32 -1.20 -8.73
CA SER B 245 -13.41 -0.88 -10.13
C SER B 245 -12.11 -0.35 -10.69
N GLY B 246 -12.11 -0.14 -12.00
CA GLY B 246 -10.97 0.42 -12.70
C GLY B 246 -9.74 -0.45 -12.70
N LEU B 247 -8.62 0.19 -12.99
CA LEU B 247 -7.35 -0.50 -13.08
C LEU B 247 -6.39 0.05 -12.04
N THR B 248 -5.31 -0.69 -11.79
CA THR B 248 -4.26 -0.23 -10.89
C THR B 248 -3.27 0.61 -11.71
N GLY B 249 -2.33 1.26 -11.04
CA GLY B 249 -1.30 2.04 -11.73
C GLY B 249 -0.40 1.18 -12.61
N GLY B 250 -0.41 -0.13 -12.38
CA GLY B 250 0.38 -1.06 -13.15
C GLY B 250 0.08 -2.51 -12.81
N ALA B 251 0.82 -3.04 -11.84
CA ALA B 251 0.69 -4.43 -11.40
C ALA B 251 -0.60 -4.69 -10.60
N GLU B 252 -1.00 -5.95 -10.56
CA GLU B 252 -2.22 -6.41 -9.86
C GLU B 252 -1.94 -6.80 -8.40
N VAL B 253 -2.79 -6.33 -7.47
CA VAL B 253 -2.61 -6.66 -6.04
C VAL B 253 -3.77 -7.55 -5.57
N PRO B 254 -3.46 -8.81 -5.30
CA PRO B 254 -4.47 -9.79 -4.86
C PRO B 254 -4.93 -9.59 -3.42
N THR B 255 -6.02 -10.26 -3.03
CA THR B 255 -6.42 -10.31 -1.61
C THR B 255 -6.60 -11.70 -1.13
N THR B 256 -6.53 -11.84 0.19
CA THR B 256 -6.84 -13.08 0.82
C THR B 256 -8.37 -13.18 0.79
N VAL B 257 -8.91 -14.40 0.92
CA VAL B 257 -10.34 -14.63 0.89
C VAL B 257 -10.91 -14.71 2.30
N HIS B 258 -10.10 -15.19 3.25
CA HIS B 258 -10.52 -15.34 4.63
C HIS B 258 -11.29 -14.17 5.22
N PRO B 259 -10.78 -12.94 5.13
CA PRO B 259 -11.52 -11.78 5.65
C PRO B 259 -12.96 -11.68 5.14
N PHE B 260 -13.24 -12.13 3.93
CA PHE B 260 -14.62 -12.05 3.42
C PHE B 260 -15.52 -13.04 4.15
N ILE B 261 -15.10 -14.30 4.23
CA ILE B 261 -15.85 -15.34 4.92
C ILE B 261 -16.02 -14.98 6.38
N LEU B 262 -14.91 -14.62 7.03
CA LEU B 262 -14.92 -14.29 8.46
C LEU B 262 -16.01 -13.28 8.87
N ARG B 263 -16.12 -12.19 8.12
CA ARG B 263 -17.09 -11.15 8.45
C ARG B 263 -18.32 -11.07 7.55
N GLY B 264 -18.50 -12.01 6.63
CA GLY B 264 -19.68 -11.98 5.77
C GLY B 264 -19.72 -10.77 4.88
N VAL B 265 -18.54 -10.35 4.43
CA VAL B 265 -18.36 -9.18 3.59
C VAL B 265 -18.38 -9.58 2.10
N SER B 266 -18.96 -8.76 1.25
CA SER B 266 -18.99 -9.05 -0.17
C SER B 266 -18.05 -8.12 -0.92
N LEU B 267 -17.50 -8.62 -2.01
CA LEU B 267 -16.63 -7.85 -2.88
C LEU B 267 -17.44 -7.73 -4.17
N LEU B 268 -17.69 -6.50 -4.60
CA LEU B 268 -18.52 -6.28 -5.76
C LEU B 268 -17.76 -5.71 -6.92
N GLY B 269 -17.58 -6.54 -7.96
CA GLY B 269 -16.89 -6.14 -9.16
C GLY B 269 -17.79 -5.20 -9.93
N ILE B 270 -17.26 -4.03 -10.25
CA ILE B 270 -18.01 -3.00 -10.96
C ILE B 270 -17.52 -2.81 -12.38
N ASP B 271 -18.32 -3.24 -13.34
CA ASP B 271 -17.96 -3.06 -14.73
C ASP B 271 -18.80 -1.99 -15.39
N SER B 272 -18.14 -0.98 -15.89
CA SER B 272 -18.81 0.10 -16.58
C SER B 272 -18.87 -0.18 -18.07
N VAL B 273 -17.85 -0.88 -18.57
CA VAL B 273 -17.71 -1.17 -20.00
C VAL B 273 -18.91 -1.85 -20.66
N TYR B 274 -19.29 -3.01 -20.14
CA TYR B 274 -20.37 -3.79 -20.74
C TYR B 274 -21.64 -3.84 -19.89
N CYS B 275 -21.92 -2.77 -19.16
CA CYS B 275 -23.13 -2.72 -18.33
C CYS B 275 -24.38 -2.83 -19.20
N PRO B 276 -25.37 -3.63 -18.77
CA PRO B 276 -26.61 -3.80 -19.54
C PRO B 276 -27.44 -2.52 -19.58
N ASP B 278 -30.64 -1.77 -19.57
CA ASP B 278 -31.70 -1.59 -18.56
C ASP B 278 -31.21 -0.87 -17.31
N LEU B 279 -30.10 -1.37 -16.74
CA LEU B 279 -29.48 -0.75 -15.57
C LEU B 279 -28.82 0.58 -15.96
N ARG B 280 -28.17 0.60 -17.12
CA ARG B 280 -27.51 1.81 -17.60
C ARG B 280 -28.41 3.04 -17.54
N LEU B 281 -29.64 2.91 -18.01
CA LEU B 281 -30.62 4.01 -17.97
C LEU B 281 -30.95 4.37 -16.51
N ARG B 282 -31.23 3.35 -15.69
CA ARG B 282 -31.50 3.55 -14.27
C ARG B 282 -30.39 4.34 -13.55
N ILE B 283 -29.11 4.00 -13.84
CA ILE B 283 -27.97 4.72 -13.27
C ILE B 283 -27.92 6.17 -13.73
N TRP B 284 -28.22 6.40 -15.01
CA TRP B 284 -28.20 7.73 -15.58
C TRP B 284 -29.34 8.58 -15.07
N GLU B 285 -30.50 7.95 -14.81
CA GLU B 285 -31.65 8.64 -14.27
C GLU B 285 -31.31 9.06 -12.83
N ARG B 286 -30.58 8.18 -12.14
CA ARG B 286 -30.09 8.44 -10.79
C ARG B 286 -29.04 9.56 -10.80
N LEU B 287 -28.20 9.56 -11.86
CA LEU B 287 -27.19 10.58 -12.03
C LEU B 287 -27.78 11.96 -12.29
N ALA B 288 -28.99 11.98 -12.86
CA ALA B 288 -29.70 13.23 -13.11
C ALA B 288 -30.47 13.57 -11.83
N GLY B 289 -30.57 12.57 -10.93
CA GLY B 289 -31.33 12.66 -9.67
C GLY B 289 -30.44 12.63 -8.41
N ASP B 290 -30.86 11.79 -7.43
CA ASP B 290 -30.21 11.81 -6.12
C ASP B 290 -28.72 11.40 -6.13
N LEU B 291 -28.17 11.14 -7.32
CA LEU B 291 -26.76 10.86 -7.45
C LEU B 291 -26.08 11.89 -8.36
N LYS B 292 -26.59 13.11 -8.34
CA LYS B 292 -25.98 14.20 -9.09
C LYS B 292 -24.91 14.79 -8.19
N PRO B 293 -23.66 14.63 -8.57
CA PRO B 293 -22.56 15.16 -7.77
C PRO B 293 -22.48 16.65 -7.93
N ASP B 294 -21.99 17.36 -6.93
CA ASP B 294 -21.82 18.80 -7.05
C ASP B 294 -20.65 19.03 -8.01
N LEU B 295 -20.98 19.27 -9.28
CA LEU B 295 -20.00 19.44 -10.33
C LEU B 295 -19.33 20.81 -10.35
N GLU B 296 -19.93 21.77 -9.65
CA GLU B 296 -19.39 23.13 -9.60
C GLU B 296 -17.94 23.14 -9.20
N ARG B 297 -17.59 22.29 -8.25
CA ARG B 297 -16.23 22.23 -7.72
C ARG B 297 -15.32 21.20 -8.37
N ILE B 298 -15.91 20.13 -8.92
CA ILE B 298 -15.14 18.99 -9.48
C ILE B 298 -14.87 18.96 -11.00
N ALA B 299 -15.43 19.89 -11.76
CA ALA B 299 -15.21 19.87 -13.22
C ALA B 299 -14.44 21.08 -13.78
N GLN B 300 -13.79 20.84 -14.92
CA GLN B 300 -12.96 21.83 -15.61
C GLN B 300 -13.18 21.64 -17.12
N GLU B 301 -12.92 22.67 -17.92
CA GLU B 301 -13.13 22.60 -19.35
C GLU B 301 -11.95 23.05 -20.20
N ILE B 302 -11.63 22.26 -21.24
CA ILE B 302 -10.55 22.59 -22.17
C ILE B 302 -11.02 22.42 -23.63
N SER B 303 -10.26 22.98 -24.57
CA SER B 303 -10.58 22.85 -26.00
C SER B 303 -9.87 21.63 -26.56
N LEU B 304 -10.14 21.32 -27.83
CA LEU B 304 -9.54 20.15 -28.49
C LEU B 304 -8.03 20.31 -28.70
N ALA B 305 -7.61 21.52 -29.04
CA ALA B 305 -6.19 21.79 -29.26
C ALA B 305 -5.36 21.65 -27.97
N GLU B 306 -6.05 21.58 -26.83
CA GLU B 306 -5.41 21.45 -25.52
C GLU B 306 -5.43 20.02 -24.97
N LEU B 307 -6.24 19.16 -25.59
CA LEU B 307 -6.42 17.77 -25.15
C LEU B 307 -5.16 16.91 -24.89
N PRO B 308 -4.19 16.88 -25.82
CA PRO B 308 -2.96 16.11 -25.61
C PRO B 308 -2.27 16.40 -24.27
N GLN B 309 -2.25 17.68 -23.88
CA GLN B 309 -1.63 18.11 -22.62
C GLN B 309 -2.22 17.41 -21.40
N ALA B 310 -3.55 17.37 -21.32
CA ALA B 310 -4.22 16.71 -20.20
C ALA B 310 -3.99 15.20 -20.23
N LEU B 311 -3.96 14.64 -21.43
CA LEU B 311 -3.73 13.21 -21.62
C LEU B 311 -2.35 12.83 -21.07
N LYS B 312 -1.40 13.76 -21.19
CA LYS B 312 -0.07 13.56 -20.68
C LYS B 312 -0.08 13.70 -19.16
N ARG B 313 -0.91 14.60 -18.65
CA ARG B 313 -0.98 14.85 -17.22
C ARG B 313 -1.66 13.71 -16.40
N ILE B 314 -2.82 13.24 -16.89
CA ILE B 314 -3.56 12.13 -16.21
C ILE B 314 -2.69 10.84 -16.12
N LEU B 315 -1.84 10.67 -17.14
CA LEU B 315 -0.95 9.52 -17.22
C LEU B 315 0.14 9.59 -16.13
N ARG B 316 0.48 10.82 -15.72
CA ARG B 316 1.49 11.05 -14.68
C ARG B 316 0.81 11.46 -13.37
N GLY B 317 -0.52 11.24 -13.29
CA GLY B 317 -1.32 11.55 -12.11
C GLY B 317 -1.31 13.02 -11.70
N GLU B 318 -1.51 13.92 -12.67
CA GLU B 318 -1.50 15.36 -12.39
C GLU B 318 -2.84 16.06 -12.64
N LEU B 319 -3.93 15.28 -12.73
CA LEU B 319 -5.25 15.86 -12.96
C LEU B 319 -6.22 15.59 -11.82
N ARG B 320 -6.73 16.66 -11.22
CA ARG B 320 -7.65 16.56 -10.10
C ARG B 320 -9.09 16.73 -10.56
N GLY B 321 -9.97 15.89 -10.04
CA GLY B 321 -11.37 15.93 -10.39
C GLY B 321 -11.61 15.47 -11.80
N ARG B 322 -12.35 16.26 -12.57
CA ARG B 322 -12.68 15.92 -13.93
C ARG B 322 -12.42 17.06 -14.90
N THR B 323 -12.06 16.71 -16.13
CA THR B 323 -11.81 17.68 -17.17
C THR B 323 -12.63 17.26 -18.38
N VAL B 324 -13.39 18.21 -18.93
CA VAL B 324 -14.17 17.91 -20.13
C VAL B 324 -13.47 18.50 -21.35
N VAL B 325 -13.98 18.13 -22.54
CA VAL B 325 -13.45 18.62 -23.81
C VAL B 325 -14.56 19.17 -24.72
N ARG B 326 -14.34 20.36 -25.30
CA ARG B 326 -15.29 20.96 -26.24
C ARG B 326 -14.73 20.93 -27.66
N LEU B 327 -15.49 20.34 -28.59
CA LEU B 327 -15.05 20.25 -30.00
C LEU B 327 -15.90 21.09 -30.95
#